data_9FOW
#
_entry.id   9FOW
#
_cell.length_a   143.116
_cell.length_b   143.116
_cell.length_c   43.556
_cell.angle_alpha   90
_cell.angle_beta   90
_cell.angle_gamma   120
#
_symmetry.space_group_name_H-M   'P 64'
#
loop_
_entity.id
_entity.type
_entity.pdbx_description
1 polymer 'Integral membrane protein GPR180'
2 branched alpha-L-fucopyranose-(1-3)-[2-acetamido-2-deoxy-beta-D-glucopyranose-(1-4)][alpha-L-fucopyranose-(1-6)]2-acetamido-2-deoxy-beta-D-glucopyranose
3 branched beta-D-mannopyranose-(1-4)-2-acetamido-2-deoxy-beta-D-glucopyranose-(1-4)-[alpha-L-fucopyranose-(1-3)][alpha-L-fucopyranose-(1-6)]2-acetamido-2-deoxy-beta-D-glucopyranose
4 non-polymer 2-acetamido-2-deoxy-beta-D-glucopyranose
5 non-polymer GLYCEROL
6 non-polymer 'ACETATE ION'
7 water water
#
_entity_poly.entity_id   1
_entity_poly.type   'polypeptide(L)'
_entity_poly.pdbx_seq_one_letter_code
;DKTLRGSFSSAAARDAQGQSIGHFEFHGDHALLCVRINNVAVAVGKEAKLYLFQAQEWLKLLESSPGYSCSERLARAQLT
VTVTQTEHNLTVSQLPAPQTWRVFYADKFTCRDDSESPQGEEIPFEMVLLNPDAEGNPLDENLYFQ
;
_entity_poly.pdbx_strand_id   A,B,C
#
# COMPACT_ATOMS: atom_id res chain seq x y z
N ASP A 1 30.76 0.73 0.60
CA ASP A 1 30.33 0.12 1.87
C ASP A 1 30.76 0.97 3.08
N LYS A 2 30.26 0.62 4.27
CA LYS A 2 30.62 1.33 5.51
C LYS A 2 30.40 0.43 6.73
N THR A 3 31.23 0.58 7.76
CA THR A 3 31.03 -0.11 9.06
C THR A 3 31.19 0.94 10.15
N LEU A 4 30.27 0.93 11.11
CA LEU A 4 30.30 1.85 12.21
C LEU A 4 29.92 1.14 13.47
N ARG A 5 30.68 1.39 14.51
CA ARG A 5 30.38 0.95 15.84
C ARG A 5 30.10 2.19 16.67
N GLY A 6 29.18 2.06 17.59
CA GLY A 6 28.86 3.14 18.51
C GLY A 6 27.83 2.68 19.51
N SER A 7 27.09 3.62 20.07
CA SER A 7 26.01 3.28 20.98
CA SER A 7 26.04 3.30 21.02
C SER A 7 24.85 4.24 20.81
N PHE A 8 23.64 3.70 20.93
CA PHE A 8 22.42 4.49 20.85
C PHE A 8 22.24 5.06 22.25
N SER A 9 21.97 6.36 22.34
CA SER A 9 21.86 7.05 23.60
C SER A 9 20.55 7.81 23.69
N SER A 10 19.79 7.57 24.76
CA SER A 10 18.56 8.27 25.08
C SER A 10 18.85 9.75 25.31
N ALA A 11 19.96 10.05 26.00
CA ALA A 11 20.38 11.42 26.28
C ALA A 11 20.69 12.15 24.98
N ALA A 12 21.50 11.53 24.07
CA ALA A 12 21.84 12.17 22.82
C ALA A 12 20.60 12.39 21.97
N ALA A 13 19.69 11.40 21.94
CA ALA A 13 18.47 11.52 21.15
C ALA A 13 17.56 12.62 21.72
N ARG A 14 17.38 12.68 23.03
CA ARG A 14 16.58 13.74 23.65
C ARG A 14 17.19 15.12 23.39
N ASP A 15 18.52 15.25 23.51
CA ASP A 15 19.22 16.52 23.27
C ASP A 15 18.99 17.10 21.87
N ALA A 16 18.99 16.25 20.83
CA ALA A 16 18.90 16.74 19.46
C ALA A 16 17.60 16.38 18.76
N GLN A 17 16.57 15.88 19.46
CA GLN A 17 15.31 15.42 18.85
C GLN A 17 15.59 14.33 17.80
N GLY A 18 16.44 13.38 18.17
CA GLY A 18 16.89 12.31 17.30
C GLY A 18 18.40 12.33 17.27
N GLN A 19 19.02 11.23 17.66
CA GLN A 19 20.49 11.13 17.68
C GLN A 19 20.96 10.80 16.26
N SER A 20 21.81 11.65 15.70
CA SER A 20 22.34 11.43 14.37
C SER A 20 23.41 10.36 14.45
N ILE A 21 23.20 9.23 13.78
CA ILE A 21 24.13 8.11 13.78
C ILE A 21 25.17 8.27 12.67
N GLY A 22 24.70 8.54 11.47
CA GLY A 22 25.56 8.65 10.31
C GLY A 22 24.81 8.94 9.04
N HIS A 23 25.53 8.85 7.95
CA HIS A 23 25.01 9.18 6.64
C HIS A 23 25.68 8.33 5.61
N PHE A 24 25.03 8.13 4.48
CA PHE A 24 25.59 7.32 3.41
C PHE A 24 24.99 7.64 2.07
N GLU A 25 25.77 7.39 1.01
CA GLU A 25 25.37 7.56 -0.38
C GLU A 25 25.76 6.30 -1.13
N PHE A 26 25.00 5.99 -2.18
CA PHE A 26 25.29 4.81 -2.98
C PHE A 26 24.75 4.97 -4.40
N HIS A 27 25.34 4.22 -5.31
CA HIS A 27 24.95 4.18 -6.72
C HIS A 27 24.06 2.98 -6.88
N GLY A 28 23.00 3.14 -7.65
CA GLY A 28 22.05 2.06 -7.89
C GLY A 28 20.71 2.32 -7.25
N ASP A 29 19.81 1.35 -7.38
CA ASP A 29 18.46 1.50 -6.85
C ASP A 29 18.28 0.95 -5.44
N HIS A 30 19.14 0.00 -4.97
CA HIS A 30 19.02 -0.54 -3.61
C HIS A 30 20.35 -0.72 -2.86
N ALA A 31 20.30 -0.59 -1.54
CA ALA A 31 21.42 -0.82 -0.61
C ALA A 31 20.88 -1.50 0.65
N LEU A 32 21.73 -2.20 1.40
CA LEU A 32 21.30 -2.91 2.60
C LEU A 32 22.02 -2.38 3.84
N LEU A 33 21.26 -1.90 4.80
CA LEU A 33 21.81 -1.44 6.06
C LEU A 33 21.51 -2.53 7.11
N CYS A 34 22.55 -3.14 7.66
CA CYS A 34 22.43 -4.19 8.67
CA CYS A 34 22.43 -4.19 8.67
C CYS A 34 22.79 -3.61 10.04
N VAL A 35 21.88 -3.70 11.01
CA VAL A 35 22.10 -3.17 12.36
C VAL A 35 22.15 -4.35 13.32
N ARG A 36 23.20 -4.44 14.14
CA ARG A 36 23.39 -5.49 15.11
C ARG A 36 23.49 -4.86 16.51
N ILE A 37 22.76 -5.42 17.47
CA ILE A 37 22.83 -5.06 18.90
C ILE A 37 22.85 -6.37 19.72
N ASN A 38 23.26 -6.32 21.00
CA ASN A 38 23.17 -7.49 21.88
C ASN A 38 22.04 -7.30 22.90
N ASN A 39 21.88 -6.07 23.41
CA ASN A 39 20.90 -5.81 24.44
C ASN A 39 19.52 -5.52 23.88
N VAL A 40 18.82 -6.61 23.49
CA VAL A 40 17.47 -6.51 22.92
C VAL A 40 16.43 -6.11 23.97
N ALA A 41 16.53 -6.64 25.19
CA ALA A 41 15.57 -6.30 26.25
C ALA A 41 15.61 -4.81 26.59
N VAL A 42 16.81 -4.21 26.63
CA VAL A 42 16.92 -2.78 26.93
C VAL A 42 16.33 -1.98 25.76
N ALA A 43 16.61 -2.38 24.51
CA ALA A 43 16.07 -1.70 23.31
C ALA A 43 14.55 -1.77 23.28
N VAL A 44 13.96 -2.95 23.56
CA VAL A 44 12.51 -3.14 23.57
C VAL A 44 11.89 -2.30 24.72
N GLY A 45 12.53 -2.31 25.89
CA GLY A 45 12.07 -1.51 27.02
C GLY A 45 12.07 -0.01 26.77
N LYS A 46 13.00 0.49 25.94
CA LYS A 46 13.06 1.89 25.57
C LYS A 46 12.21 2.22 24.32
N GLU A 47 11.66 1.22 23.60
CA GLU A 47 10.95 1.39 22.33
C GLU A 47 11.91 2.05 21.32
N ALA A 48 13.14 1.50 21.25
CA ALA A 48 14.20 1.98 20.39
C ALA A 48 13.80 1.84 18.94
N LYS A 49 14.03 2.88 18.14
CA LYS A 49 13.70 2.88 16.73
C LYS A 49 14.75 3.62 15.92
N LEU A 50 14.94 3.22 14.68
CA LEU A 50 15.83 3.92 13.75
C LEU A 50 14.97 4.60 12.68
N TYR A 51 15.37 5.80 12.27
CA TYR A 51 14.67 6.60 11.27
C TYR A 51 15.65 7.00 10.18
N LEU A 52 15.29 6.74 8.93
CA LEU A 52 16.12 7.05 7.80
C LEU A 52 15.41 8.13 7.02
N PHE A 53 16.17 9.15 6.67
CA PHE A 53 15.67 10.24 5.88
C PHE A 53 16.53 10.36 4.67
N GLN A 54 15.95 10.81 3.57
CA GLN A 54 16.68 11.17 2.38
C GLN A 54 17.14 12.58 2.77
N ALA A 55 18.44 12.87 2.67
CA ALA A 55 18.97 14.12 3.17
C ALA A 55 18.33 15.36 2.56
N GLN A 56 17.81 15.30 1.32
CA GLN A 56 17.09 16.44 0.74
C GLN A 56 15.72 16.65 1.42
N GLU A 57 15.02 15.55 1.73
CA GLU A 57 13.72 15.62 2.42
C GLU A 57 13.93 16.12 3.85
N TRP A 58 14.98 15.64 4.53
CA TRP A 58 15.30 16.04 5.88
C TRP A 58 15.63 17.51 5.93
N LEU A 59 16.43 18.01 4.97
CA LEU A 59 16.79 19.43 4.92
C LEU A 59 15.54 20.29 4.73
N LYS A 60 14.63 19.86 3.84
CA LYS A 60 13.35 20.57 3.63
C LYS A 60 12.55 20.70 4.96
N LEU A 61 12.54 19.63 5.77
CA LEU A 61 11.84 19.66 7.05
C LEU A 61 12.48 20.66 8.01
N LEU A 62 13.81 20.68 8.06
CA LEU A 62 14.54 21.60 8.92
C LEU A 62 14.43 23.06 8.46
N GLU A 63 14.22 23.29 7.15
CA GLU A 63 14.05 24.64 6.62
C GLU A 63 12.61 25.15 6.72
N SER A 64 11.65 24.32 7.15
CA SER A 64 10.27 24.75 7.28
C SER A 64 10.11 25.73 8.44
N SER A 65 9.25 26.73 8.26
CA SER A 65 8.94 27.69 9.30
C SER A 65 7.47 27.54 9.74
N PRO A 66 7.15 27.43 11.06
CA PRO A 66 8.04 27.51 12.24
C PRO A 66 8.95 26.31 12.49
N GLY A 67 8.61 25.18 11.88
CA GLY A 67 9.36 23.95 12.03
C GLY A 67 8.48 22.90 12.66
N TYR A 68 8.70 21.64 12.31
CA TYR A 68 7.92 20.53 12.85
C TYR A 68 8.29 20.22 14.27
N SER A 69 7.35 19.66 15.03
CA SER A 69 7.63 19.19 16.36
C SER A 69 8.51 17.94 16.28
N CYS A 70 9.08 17.53 17.40
CA CYS A 70 9.94 16.34 17.52
C CYS A 70 9.26 15.10 16.92
N SER A 71 8.02 14.80 17.36
CA SER A 71 7.30 13.62 16.89
C SER A 71 6.86 13.78 15.45
N GLU A 72 6.41 14.97 15.04
CA GLU A 72 5.97 15.19 13.65
C GLU A 72 7.12 15.05 12.65
N ARG A 73 8.32 15.49 13.00
CA ARG A 73 9.47 15.36 12.11
C ARG A 73 9.85 13.89 11.97
N LEU A 74 9.91 13.13 13.07
CA LEU A 74 10.25 11.70 13.00
C LEU A 74 9.18 10.91 12.24
N ALA A 75 7.91 11.32 12.31
CA ALA A 75 6.83 10.66 11.54
C ALA A 75 6.99 10.86 10.02
N ARG A 76 7.81 11.83 9.58
CA ARG A 76 8.04 12.10 8.18
C ARG A 76 9.28 11.38 7.64
N ALA A 77 9.87 10.42 8.40
CA ALA A 77 10.99 9.62 7.91
C ALA A 77 10.54 8.79 6.73
N GLN A 78 11.45 8.50 5.81
CA GLN A 78 11.15 7.68 4.65
C GLN A 78 11.09 6.21 5.05
N LEU A 79 11.97 5.76 5.94
CA LEU A 79 12.00 4.36 6.40
C LEU A 79 12.32 4.33 7.88
N THR A 80 11.81 3.31 8.56
CA THR A 80 12.05 3.15 9.99
C THR A 80 12.26 1.66 10.31
N VAL A 81 12.75 1.38 11.49
CA VAL A 81 12.79 0.02 12.01
C VAL A 81 12.60 0.09 13.52
N THR A 82 11.77 -0.78 14.09
CA THR A 82 11.59 -0.87 15.52
C THR A 82 12.56 -1.92 15.96
N VAL A 83 13.48 -1.56 16.85
CA VAL A 83 14.56 -2.46 17.26
C VAL A 83 14.03 -3.49 18.26
N THR A 84 13.80 -4.73 17.80
CA THR A 84 13.26 -5.84 18.62
C THR A 84 14.09 -7.13 18.52
N GLN A 85 15.12 -7.19 17.67
CA GLN A 85 15.94 -8.39 17.48
C GLN A 85 17.41 -8.01 17.52
N THR A 86 18.30 -9.02 17.63
CA THR A 86 19.73 -8.79 17.64
C THR A 86 20.21 -8.24 16.28
N GLU A 87 19.50 -8.55 15.17
CA GLU A 87 19.85 -8.00 13.87
C GLU A 87 18.62 -7.64 13.05
N HIS A 88 18.69 -6.48 12.37
CA HIS A 88 17.66 -5.98 11.48
C HIS A 88 18.34 -5.52 10.21
N ASN A 89 17.86 -5.98 9.05
CA ASN A 89 18.39 -5.59 7.75
C ASN A 89 17.35 -4.73 7.06
N LEU A 90 17.74 -3.52 6.65
CA LEU A 90 16.86 -2.58 5.99
C LEU A 90 17.28 -2.43 4.54
N THR A 91 16.36 -2.69 3.62
CA THR A 91 16.60 -2.44 2.22
C THR A 91 16.26 -0.97 2.03
N VAL A 92 17.22 -0.20 1.52
CA VAL A 92 17.08 1.22 1.28
C VAL A 92 17.00 1.37 -0.23
N SER A 93 15.84 1.83 -0.75
CA SER A 93 15.65 1.99 -2.20
C SER A 93 15.52 3.45 -2.54
N GLN A 94 16.00 3.81 -3.73
CA GLN A 94 16.02 5.21 -4.15
C GLN A 94 15.82 5.27 -5.67
N THR A 100 21.90 11.49 -0.79
CA THR A 100 22.44 11.02 0.49
C THR A 100 21.30 10.62 1.44
N TRP A 101 21.56 9.65 2.31
CA TRP A 101 20.64 9.15 3.32
C TRP A 101 21.23 9.46 4.68
N ARG A 102 20.38 9.76 5.65
CA ARG A 102 20.80 10.05 7.02
C ARG A 102 20.06 9.13 7.98
N VAL A 103 20.76 8.60 8.99
CA VAL A 103 20.20 7.66 9.96
C VAL A 103 20.16 8.31 11.34
N PHE A 104 19.02 8.17 12.05
CA PHE A 104 18.82 8.70 13.38
C PHE A 104 18.26 7.65 14.29
N TYR A 105 18.57 7.75 15.58
CA TYR A 105 18.02 6.87 16.61
C TYR A 105 17.09 7.72 17.48
N ALA A 106 15.98 7.15 17.90
CA ALA A 106 15.07 7.77 18.84
C ALA A 106 14.39 6.67 19.68
N ASP A 107 13.87 7.03 20.83
CA ASP A 107 13.21 6.08 21.73
C ASP A 107 12.06 6.80 22.46
N LYS A 108 11.37 6.12 23.39
CA LYS A 108 10.24 6.72 24.09
C LYS A 108 10.55 7.97 24.91
N PHE A 109 11.82 8.25 25.19
CA PHE A 109 12.19 9.46 25.93
C PHE A 109 12.47 10.68 25.04
N THR A 110 12.64 10.47 23.73
CA THR A 110 13.08 11.52 22.81
C THR A 110 12.16 12.74 22.74
N CYS A 111 10.87 12.52 22.50
CA CYS A 111 9.93 13.61 22.32
C CYS A 111 9.06 13.90 23.53
N ARG A 112 9.39 13.35 24.71
CA ARG A 112 8.65 13.64 25.94
C ARG A 112 8.72 15.12 26.29
N SER A 117 11.96 9.94 34.32
CA SER A 117 12.00 8.48 34.22
C SER A 117 13.45 7.99 34.01
N PRO A 118 13.97 7.00 34.77
CA PRO A 118 15.35 6.54 34.52
C PRO A 118 15.61 6.11 33.07
N GLN A 119 16.59 6.75 32.43
CA GLN A 119 16.89 6.45 31.02
C GLN A 119 17.88 5.28 30.83
N GLY A 120 18.28 4.60 31.93
CA GLY A 120 19.16 3.43 31.86
C GLY A 120 20.54 3.73 31.33
N GLU A 121 21.10 2.80 30.54
CA GLU A 121 22.42 3.02 29.92
C GLU A 121 22.31 2.96 28.37
N GLU A 122 23.38 3.35 27.67
CA GLU A 122 23.43 3.37 26.21
C GLU A 122 23.44 1.95 25.63
N ILE A 123 22.94 1.76 24.40
CA ILE A 123 22.89 0.45 23.77
C ILE A 123 23.98 0.32 22.70
N PRO A 124 25.06 -0.46 22.94
CA PRO A 124 26.08 -0.63 21.88
C PRO A 124 25.50 -1.23 20.62
N PHE A 125 26.01 -0.82 19.45
CA PHE A 125 25.58 -1.35 18.17
C PHE A 125 26.77 -1.47 17.20
N GLU A 126 26.54 -2.20 16.11
CA GLU A 126 27.41 -2.23 14.94
C GLU A 126 26.48 -2.14 13.73
N MET A 127 26.83 -1.30 12.77
CA MET A 127 26.07 -1.11 11.54
C MET A 127 26.98 -1.34 10.37
N VAL A 128 26.51 -2.09 9.37
CA VAL A 128 27.27 -2.35 8.16
C VAL A 128 26.34 -1.97 7.01
N LEU A 129 26.84 -1.17 6.07
CA LEU A 129 26.09 -0.82 4.89
C LEU A 129 26.74 -1.52 3.73
N LEU A 130 25.95 -2.23 2.92
CA LEU A 130 26.41 -2.91 1.71
C LEU A 130 25.68 -2.25 0.53
N ASN A 131 26.43 -1.88 -0.54
CA ASN A 131 25.84 -1.19 -1.70
C ASN A 131 25.10 -2.09 -2.74
N PRO A 132 25.28 -3.44 -2.84
CA PRO A 132 24.48 -4.21 -3.82
C PRO A 132 23.02 -4.39 -3.38
N ASP B 1 -8.65 7.59 16.74
CA ASP B 1 -9.80 7.89 15.88
C ASP B 1 -9.55 9.19 15.09
N LYS B 2 -10.08 9.29 13.88
CA LYS B 2 -9.93 10.43 12.93
C LYS B 2 -8.68 10.30 12.01
N THR B 3 -7.51 10.00 12.59
CA THR B 3 -6.27 9.80 11.84
C THR B 3 -5.56 8.57 12.41
N LEU B 4 -4.94 7.76 11.55
CA LEU B 4 -4.14 6.63 12.00
C LEU B 4 -2.76 6.75 11.40
N ARG B 5 -1.74 6.45 12.18
CA ARG B 5 -0.37 6.41 11.71
C ARG B 5 0.22 5.10 12.09
N GLY B 6 0.97 4.52 11.19
CA GLY B 6 1.68 3.28 11.45
C GLY B 6 2.77 3.10 10.45
N SER B 7 3.17 1.85 10.22
CA SER B 7 4.17 1.55 9.24
C SER B 7 3.88 0.22 8.57
N PHE B 8 4.14 0.12 7.26
CA PHE B 8 3.98 -1.14 6.53
C PHE B 8 5.24 -1.95 6.81
N SER B 9 5.07 -3.24 7.09
CA SER B 9 6.17 -4.14 7.43
C SER B 9 6.02 -5.46 6.67
N SER B 10 7.05 -5.84 5.93
CA SER B 10 7.07 -7.13 5.23
C SER B 10 7.03 -8.28 6.23
N ALA B 11 7.74 -8.13 7.36
CA ALA B 11 7.79 -9.16 8.39
C ALA B 11 6.42 -9.35 9.02
N ALA B 12 5.73 -8.27 9.40
CA ALA B 12 4.39 -8.38 9.97
C ALA B 12 3.40 -8.94 8.97
N ALA B 13 3.49 -8.53 7.68
CA ALA B 13 2.61 -9.06 6.66
C ALA B 13 2.84 -10.58 6.47
N ARG B 14 4.11 -11.02 6.41
CA ARG B 14 4.39 -12.45 6.26
C ARG B 14 3.86 -13.23 7.47
N ASP B 15 4.09 -12.72 8.68
CA ASP B 15 3.64 -13.38 9.92
C ASP B 15 2.14 -13.60 9.98
N ALA B 16 1.33 -12.62 9.54
CA ALA B 16 -0.13 -12.73 9.62
C ALA B 16 -0.85 -13.01 8.29
N GLN B 17 -0.12 -13.27 7.17
CA GLN B 17 -0.72 -13.45 5.84
C GLN B 17 -1.51 -12.21 5.45
N GLY B 18 -0.87 -11.06 5.64
CA GLY B 18 -1.47 -9.75 5.39
C GLY B 18 -1.40 -8.97 6.69
N GLN B 19 -0.72 -7.83 6.68
CA GLN B 19 -0.59 -7.01 7.87
C GLN B 19 -1.85 -6.18 8.03
N SER B 20 -2.51 -6.26 9.18
CA SER B 20 -3.69 -5.46 9.45
C SER B 20 -3.22 -4.03 9.72
N ILE B 21 -3.64 -3.07 8.90
CA ILE B 21 -3.21 -1.67 9.04
C ILE B 21 -4.34 -0.70 9.33
N GLY B 22 -5.44 -1.18 9.89
CA GLY B 22 -6.51 -0.31 10.34
C GLY B 22 -7.90 -0.85 10.10
N HIS B 23 -8.79 -0.54 11.03
CA HIS B 23 -10.22 -0.76 10.94
C HIS B 23 -10.85 0.62 10.92
N PHE B 24 -12.02 0.74 10.30
CA PHE B 24 -12.75 2.00 10.31
C PHE B 24 -14.22 1.80 10.10
N GLU B 25 -14.99 2.74 10.66
CA GLU B 25 -16.45 2.81 10.58
C GLU B 25 -16.79 4.26 10.29
N PHE B 26 -17.88 4.49 9.60
CA PHE B 26 -18.35 5.83 9.30
C PHE B 26 -19.85 5.83 9.08
N HIS B 27 -20.45 7.01 9.24
CA HIS B 27 -21.89 7.21 9.03
C HIS B 27 -22.09 7.71 7.63
N GLY B 28 -23.13 7.21 6.97
CA GLY B 28 -23.45 7.60 5.61
C GLY B 28 -23.14 6.51 4.62
N ASP B 29 -23.33 6.81 3.34
CA ASP B 29 -23.15 5.85 2.28
C ASP B 29 -21.79 5.89 1.62
N HIS B 30 -21.08 7.03 1.68
CA HIS B 30 -19.78 7.15 1.02
C HIS B 30 -18.72 7.81 1.87
N ALA B 31 -17.48 7.33 1.70
CA ALA B 31 -16.31 7.90 2.34
C ALA B 31 -15.10 7.76 1.37
N LEU B 32 -14.09 8.56 1.59
CA LEU B 32 -12.88 8.50 0.82
C LEU B 32 -11.74 8.20 1.79
N LEU B 33 -11.16 7.02 1.68
CA LEU B 33 -10.04 6.63 2.52
C LEU B 33 -8.76 7.13 1.81
N CYS B 34 -8.02 8.01 2.48
CA CYS B 34 -6.82 8.61 1.93
CA CYS B 34 -6.81 8.63 1.93
C CYS B 34 -5.62 8.05 2.66
N VAL B 35 -4.72 7.38 1.92
CA VAL B 35 -3.53 6.75 2.47
C VAL B 35 -2.32 7.52 1.95
N ARG B 36 -1.49 8.03 2.85
CA ARG B 36 -0.25 8.75 2.53
C ARG B 36 0.92 7.86 2.92
N ILE B 37 1.84 7.58 1.98
CA ILE B 37 2.97 6.65 2.11
C ILE B 37 4.25 7.49 1.97
N ASN B 38 5.24 7.25 2.86
CA ASN B 38 6.48 8.01 2.93
C ASN B 38 7.59 7.53 2.04
N ASN B 39 7.49 6.31 1.47
CA ASN B 39 8.53 5.80 0.58
C ASN B 39 7.92 4.97 -0.55
N VAL B 40 7.81 5.58 -1.72
CA VAL B 40 7.24 4.94 -2.89
C VAL B 40 8.24 3.97 -3.52
N ALA B 41 9.53 4.33 -3.59
CA ALA B 41 10.52 3.45 -4.23
C ALA B 41 10.63 2.09 -3.57
N VAL B 42 10.67 2.07 -2.23
CA VAL B 42 10.78 0.81 -1.49
C VAL B 42 9.48 0.01 -1.68
N ALA B 43 8.32 0.68 -1.61
CA ALA B 43 7.02 0.04 -1.82
C ALA B 43 6.90 -0.57 -3.24
N VAL B 44 7.27 0.17 -4.29
CA VAL B 44 7.23 -0.33 -5.67
C VAL B 44 8.19 -1.52 -5.83
N GLY B 45 9.38 -1.42 -5.24
CA GLY B 45 10.35 -2.51 -5.31
C GLY B 45 9.89 -3.82 -4.69
N LYS B 46 9.02 -3.72 -3.66
CA LYS B 46 8.44 -4.88 -2.96
C LYS B 46 7.07 -5.27 -3.54
N GLU B 47 6.51 -4.53 -4.54
CA GLU B 47 5.19 -4.80 -5.11
C GLU B 47 4.13 -4.67 -4.00
N ALA B 48 4.25 -3.55 -3.23
CA ALA B 48 3.35 -3.28 -2.11
C ALA B 48 1.97 -3.03 -2.63
N LYS B 49 0.97 -3.57 -1.92
CA LYS B 49 -0.44 -3.39 -2.25
C LYS B 49 -1.26 -3.23 -0.98
N LEU B 50 -2.38 -2.51 -1.07
CA LEU B 50 -3.32 -2.29 0.02
C LEU B 50 -4.64 -2.96 -0.36
N TYR B 51 -5.29 -3.62 0.62
CA TYR B 51 -6.49 -4.39 0.41
C TYR B 51 -7.59 -3.95 1.38
N LEU B 52 -8.77 -3.68 0.87
CA LEU B 52 -9.91 -3.29 1.67
C LEU B 52 -10.90 -4.41 1.72
N PHE B 53 -11.34 -4.75 2.92
CA PHE B 53 -12.36 -5.76 3.14
C PHE B 53 -13.42 -5.25 4.07
N GLN B 54 -14.61 -5.82 3.99
CA GLN B 54 -15.61 -5.68 5.03
C GLN B 54 -15.08 -6.68 6.13
N ALA B 55 -14.99 -6.24 7.38
CA ALA B 55 -14.41 -7.05 8.45
C ALA B 55 -15.05 -8.46 8.57
N GLN B 56 -16.39 -8.52 8.42
CA GLN B 56 -17.17 -9.75 8.51
C GLN B 56 -16.84 -10.68 7.34
N GLU B 57 -16.61 -10.12 6.14
CA GLU B 57 -16.27 -10.93 4.97
C GLU B 57 -14.90 -11.58 5.13
N TRP B 58 -13.92 -10.86 5.71
CA TRP B 58 -12.60 -11.43 5.97
C TRP B 58 -12.71 -12.65 6.90
N LEU B 59 -13.48 -12.52 7.98
CA LEU B 59 -13.68 -13.63 8.92
C LEU B 59 -14.36 -14.83 8.26
N LYS B 60 -15.38 -14.57 7.43
CA LYS B 60 -16.06 -15.64 6.67
C LYS B 60 -15.06 -16.39 5.77
N LEU B 61 -14.10 -15.69 5.16
CA LEU B 61 -13.09 -16.34 4.33
C LEU B 61 -12.19 -17.24 5.15
N LEU B 62 -11.80 -16.77 6.33
CA LEU B 62 -10.96 -17.58 7.21
C LEU B 62 -11.69 -18.86 7.68
N GLU B 63 -13.02 -18.81 7.79
CA GLU B 63 -13.83 -19.92 8.28
C GLU B 63 -14.38 -20.83 7.18
N SER B 64 -14.09 -20.56 5.90
CA SER B 64 -14.62 -21.36 4.80
C SER B 64 -13.79 -22.60 4.55
N SER B 65 -14.30 -23.79 4.88
CA SER B 65 -13.59 -25.04 4.63
C SER B 65 -13.51 -25.30 3.12
N PRO B 66 -12.38 -25.80 2.55
CA PRO B 66 -11.12 -26.22 3.20
C PRO B 66 -10.20 -25.11 3.68
N GLY B 67 -10.44 -23.89 3.24
CA GLY B 67 -9.62 -22.75 3.54
C GLY B 67 -8.94 -22.23 2.29
N TYR B 68 -8.67 -20.94 2.28
CA TYR B 68 -8.00 -20.29 1.16
C TYR B 68 -6.52 -20.18 1.43
N SER B 69 -5.73 -20.12 0.37
CA SER B 69 -4.32 -19.83 0.48
C SER B 69 -4.19 -18.32 0.81
N CYS B 70 -3.00 -17.92 1.25
CA CYS B 70 -2.63 -16.53 1.53
C CYS B 70 -2.99 -15.60 0.34
N SER B 71 -2.55 -15.95 -0.88
CA SER B 71 -2.81 -15.10 -2.04
C SER B 71 -4.27 -15.14 -2.46
N GLU B 72 -4.93 -16.31 -2.39
CA GLU B 72 -6.35 -16.42 -2.76
C GLU B 72 -7.24 -15.58 -1.85
N ARG B 73 -6.94 -15.53 -0.54
CA ARG B 73 -7.74 -14.76 0.39
C ARG B 73 -7.61 -13.26 0.12
N LEU B 74 -6.38 -12.79 -0.05
CA LEU B 74 -6.14 -11.38 -0.35
C LEU B 74 -6.77 -10.99 -1.71
N ALA B 75 -6.80 -11.89 -2.69
CA ALA B 75 -7.43 -11.62 -3.99
C ALA B 75 -8.95 -11.44 -3.89
N ARG B 76 -9.57 -11.83 -2.75
CA ARG B 76 -11.01 -11.63 -2.56
C ARG B 76 -11.33 -10.27 -1.94
N ALA B 77 -10.35 -9.35 -1.85
CA ALA B 77 -10.62 -8.01 -1.30
C ALA B 77 -11.64 -7.30 -2.13
N GLN B 78 -12.45 -6.47 -1.47
CA GLN B 78 -13.45 -5.64 -2.16
C GLN B 78 -12.74 -4.68 -3.12
N LEU B 79 -11.60 -4.13 -2.70
CA LEU B 79 -10.78 -3.22 -3.49
C LEU B 79 -9.31 -3.47 -3.16
N THR B 80 -8.44 -3.46 -4.18
CA THR B 80 -7.00 -3.58 -4.03
C THR B 80 -6.36 -2.43 -4.77
N VAL B 81 -5.34 -1.80 -4.18
CA VAL B 81 -4.60 -0.74 -4.86
C VAL B 81 -3.12 -1.11 -4.84
N THR B 82 -2.44 -0.92 -5.98
CA THR B 82 -1.00 -1.10 -6.02
C THR B 82 -0.42 0.24 -5.56
N VAL B 83 0.52 0.19 -4.60
CA VAL B 83 1.16 1.39 -4.11
C VAL B 83 2.17 1.85 -5.17
N THR B 84 1.85 2.97 -5.86
CA THR B 84 2.70 3.59 -6.88
C THR B 84 2.92 5.10 -6.64
N GLN B 85 2.19 5.74 -5.70
CA GLN B 85 2.27 7.18 -5.45
C GLN B 85 2.34 7.46 -3.94
N THR B 86 2.71 8.69 -3.57
CA THR B 86 2.79 9.09 -2.16
C THR B 86 1.39 9.16 -1.54
N GLU B 87 0.32 9.27 -2.32
CA GLU B 87 -1.04 9.31 -1.81
C GLU B 87 -1.96 8.53 -2.74
N HIS B 88 -2.85 7.74 -2.14
CA HIS B 88 -3.86 6.98 -2.84
C HIS B 88 -5.18 7.20 -2.12
N ASN B 89 -6.22 7.60 -2.86
CA ASN B 89 -7.56 7.80 -2.34
C ASN B 89 -8.45 6.69 -2.88
N LEU B 90 -9.16 6.02 -1.98
CA LEU B 90 -10.04 4.91 -2.29
C LEU B 90 -11.48 5.28 -1.93
N THR B 91 -12.40 5.16 -2.87
CA THR B 91 -13.81 5.39 -2.58
C THR B 91 -14.37 4.15 -1.87
N VAL B 92 -14.96 4.37 -0.70
CA VAL B 92 -15.60 3.33 0.09
C VAL B 92 -17.10 3.63 0.07
N SER B 93 -17.92 2.73 -0.50
CA SER B 93 -19.37 2.84 -0.53
C SER B 93 -19.95 1.71 0.31
N GLN B 94 -20.97 2.02 1.10
CA GLN B 94 -21.59 1.01 1.97
C GLN B 94 -23.10 1.18 2.06
N LEU B 95 -23.79 0.08 2.38
CA LEU B 95 -25.25 0.12 2.57
C LEU B 95 -25.57 0.67 3.96
N GLN B 99 -21.40 -1.26 10.24
CA GLN B 99 -20.41 -2.18 9.69
C GLN B 99 -18.99 -1.64 9.81
N THR B 100 -18.01 -2.55 9.88
CA THR B 100 -16.63 -2.17 10.01
C THR B 100 -15.87 -2.63 8.77
N TRP B 101 -14.97 -1.76 8.31
CA TRP B 101 -14.08 -2.02 7.19
C TRP B 101 -12.70 -2.26 7.77
N ARG B 102 -11.88 -3.01 7.06
CA ARG B 102 -10.57 -3.39 7.47
C ARG B 102 -9.60 -3.24 6.30
N VAL B 103 -8.37 -2.84 6.58
CA VAL B 103 -7.36 -2.63 5.56
C VAL B 103 -6.16 -3.48 5.89
N PHE B 104 -5.57 -4.09 4.86
CA PHE B 104 -4.37 -4.88 4.98
C PHE B 104 -3.30 -4.38 4.02
N TYR B 105 -2.05 -4.63 4.39
CA TYR B 105 -0.89 -4.38 3.56
C TYR B 105 -0.29 -5.72 3.28
N ALA B 106 0.13 -5.92 2.04
CA ALA B 106 0.87 -7.11 1.65
C ALA B 106 1.84 -6.73 0.52
N ASP B 107 2.86 -7.54 0.34
CA ASP B 107 3.87 -7.31 -0.68
C ASP B 107 4.36 -8.67 -1.25
N LYS B 108 5.35 -8.66 -2.16
CA LYS B 108 5.84 -9.90 -2.77
C LYS B 108 6.40 -10.94 -1.81
N PHE B 109 6.72 -10.58 -0.56
CA PHE B 109 7.21 -11.55 0.42
C PHE B 109 6.12 -12.19 1.27
N THR B 110 4.89 -11.65 1.24
CA THR B 110 3.82 -12.08 2.13
C THR B 110 3.41 -13.55 1.99
N CYS B 111 3.13 -13.99 0.78
CA CYS B 111 2.60 -15.31 0.53
C CYS B 111 3.66 -16.30 0.00
N ARG B 112 4.95 -16.00 0.15
CA ARG B 112 6.02 -16.89 -0.28
C ARG B 112 6.07 -18.11 0.66
N PRO B 118 12.27 -11.97 5.00
CA PRO B 118 11.78 -10.75 4.32
C PRO B 118 12.62 -9.52 4.65
N GLN B 119 12.39 -8.44 3.92
CA GLN B 119 13.07 -7.17 4.14
C GLN B 119 12.57 -6.59 5.48
N GLY B 120 13.48 -6.03 6.29
CA GLY B 120 13.14 -5.53 7.63
C GLY B 120 12.67 -4.08 7.73
N GLU B 121 12.94 -3.26 6.72
CA GLU B 121 12.56 -1.84 6.74
C GLU B 121 11.04 -1.64 6.77
N GLU B 122 10.61 -0.64 7.50
CA GLU B 122 9.21 -0.34 7.61
C GLU B 122 8.96 1.00 6.93
N ILE B 123 7.82 1.12 6.24
CA ILE B 123 7.47 2.32 5.52
C ILE B 123 6.38 3.08 6.30
N PRO B 124 6.65 4.26 6.87
CA PRO B 124 5.59 4.98 7.60
C PRO B 124 4.43 5.35 6.69
N PHE B 125 3.22 5.34 7.23
CA PHE B 125 2.03 5.73 6.52
C PHE B 125 1.08 6.49 7.44
N GLU B 126 0.15 7.21 6.84
CA GLU B 126 -0.92 7.88 7.55
C GLU B 126 -2.19 7.61 6.77
N MET B 127 -3.30 7.43 7.48
CA MET B 127 -4.58 7.17 6.89
C MET B 127 -5.63 8.08 7.53
N VAL B 128 -6.48 8.68 6.69
CA VAL B 128 -7.58 9.55 7.10
C VAL B 128 -8.82 9.18 6.25
N LEU B 129 -10.00 9.51 6.75
CA LEU B 129 -11.26 9.30 6.05
C LEU B 129 -11.87 10.66 5.83
N LEU B 130 -12.19 11.01 4.58
CA LEU B 130 -12.79 12.28 4.21
C LEU B 130 -14.16 12.06 3.58
N ASN B 131 -15.01 13.09 3.64
CA ASN B 131 -16.36 13.05 3.10
C ASN B 131 -16.33 13.53 1.63
N PRO B 132 -16.58 12.66 0.64
CA PRO B 132 -16.56 13.13 -0.77
C PRO B 132 -17.77 13.99 -1.16
N ASP B 133 -18.89 13.87 -0.44
CA ASP B 133 -20.14 14.56 -0.73
C ASP B 133 -20.23 15.89 0.01
N PRO B 138 -21.81 14.91 8.19
CA PRO B 138 -20.50 14.53 8.76
C PRO B 138 -20.34 13.03 8.86
N LEU B 139 -19.11 12.55 8.70
CA LEU B 139 -18.85 11.11 8.75
C LEU B 139 -18.89 10.56 10.17
N ASP B 140 -18.46 11.36 11.20
CA ASP B 140 -18.35 10.89 12.61
C ASP B 140 -17.51 9.59 12.61
N GLU B 141 -16.39 9.63 11.89
CA GLU B 141 -15.58 8.45 11.63
C GLU B 141 -14.82 7.96 12.83
N ASN B 142 -14.44 6.69 12.78
CA ASN B 142 -13.67 6.07 13.83
C ASN B 142 -12.68 5.15 13.16
N LEU B 143 -11.40 5.50 13.17
CA LEU B 143 -10.31 4.71 12.65
C LEU B 143 -9.51 4.23 13.83
N TYR B 144 -9.12 2.97 13.82
CA TYR B 144 -8.36 2.39 14.93
C TYR B 144 -7.57 1.19 14.47
N PHE B 145 -6.52 0.84 15.22
CA PHE B 145 -5.78 -0.41 15.03
C PHE B 145 -6.25 -1.36 16.14
N GLN B 146 -6.46 -2.65 15.85
CA GLN B 146 -6.83 -3.62 16.89
C GLN B 146 -5.58 -4.36 17.36
N LYS C 2 -19.19 11.02 -22.16
CA LYS C 2 -19.50 9.79 -22.88
C LYS C 2 -19.87 8.64 -21.90
N THR C 3 -20.51 7.59 -22.44
CA THR C 3 -20.99 6.41 -21.72
C THR C 3 -20.64 5.16 -22.52
N LEU C 4 -20.31 4.05 -21.85
CA LEU C 4 -20.01 2.79 -22.53
C LEU C 4 -20.95 1.71 -22.03
N ARG C 5 -21.54 0.94 -22.94
CA ARG C 5 -22.43 -0.16 -22.61
C ARG C 5 -21.92 -1.40 -23.29
N GLY C 6 -22.03 -2.52 -22.62
CA GLY C 6 -21.60 -3.80 -23.16
C GLY C 6 -21.97 -4.94 -22.24
N SER C 7 -21.24 -6.05 -22.32
CA SER C 7 -21.47 -7.18 -21.43
C SER C 7 -20.16 -7.85 -21.07
N PHE C 8 -20.00 -8.27 -19.81
CA PHE C 8 -18.82 -8.99 -19.38
C PHE C 8 -19.03 -10.45 -19.80
N SER C 9 -18.01 -11.05 -20.41
CA SER C 9 -18.07 -12.41 -20.90
C SER C 9 -16.88 -13.22 -20.41
N SER C 10 -17.13 -14.38 -19.79
CA SER C 10 -16.09 -15.31 -19.36
C SER C 10 -15.30 -15.83 -20.55
N ALA C 11 -16.00 -16.10 -21.68
CA ALA C 11 -15.35 -16.59 -22.90
C ALA C 11 -14.41 -15.52 -23.48
N ALA C 12 -14.85 -14.26 -23.58
CA ALA C 12 -14.00 -13.18 -24.09
C ALA C 12 -12.81 -12.95 -23.19
N ALA C 13 -13.02 -13.00 -21.86
CA ALA C 13 -11.93 -12.83 -20.90
C ALA C 13 -10.92 -13.98 -21.03
N ARG C 14 -11.38 -15.24 -21.15
CA ARG C 14 -10.46 -16.38 -21.31
C ARG C 14 -9.65 -16.23 -22.61
N ASP C 15 -10.33 -15.85 -23.71
CA ASP C 15 -9.68 -15.68 -25.01
C ASP C 15 -8.53 -14.67 -25.01
N ALA C 16 -8.71 -13.52 -24.32
CA ALA C 16 -7.71 -12.47 -24.33
C ALA C 16 -6.91 -12.31 -23.04
N GLN C 17 -7.07 -13.22 -22.04
CA GLN C 17 -6.43 -13.13 -20.73
C GLN C 17 -6.82 -11.80 -20.06
N GLY C 18 -8.12 -11.53 -20.07
CA GLY C 18 -8.70 -10.31 -19.57
C GLY C 18 -9.47 -9.64 -20.69
N GLN C 19 -10.78 -9.47 -20.53
CA GLN C 19 -11.60 -8.85 -21.56
C GLN C 19 -11.43 -7.34 -21.48
N SER C 20 -11.02 -6.72 -22.58
CA SER C 20 -10.84 -5.28 -22.66
C SER C 20 -12.23 -4.65 -22.71
N ILE C 21 -12.55 -3.83 -21.70
CA ILE C 21 -13.87 -3.18 -21.61
C ILE C 21 -13.85 -1.82 -22.28
N GLY C 22 -12.85 -1.02 -21.93
CA GLY C 22 -12.74 0.30 -22.50
C GLY C 22 -11.52 1.05 -22.10
N HIS C 23 -11.25 2.10 -22.86
CA HIS C 23 -10.20 3.06 -22.63
C HIS C 23 -10.88 4.36 -22.29
N PHE C 24 -10.21 5.20 -21.50
CA PHE C 24 -10.73 6.52 -21.22
C PHE C 24 -9.60 7.49 -20.92
N GLU C 25 -9.89 8.75 -21.18
CA GLU C 25 -8.97 9.84 -20.96
C GLU C 25 -9.80 10.98 -20.37
N PHE C 26 -9.18 11.78 -19.53
CA PHE C 26 -9.85 12.93 -18.93
C PHE C 26 -8.82 13.99 -18.59
N HIS C 27 -9.28 15.24 -18.50
CA HIS C 27 -8.44 16.38 -18.16
C HIS C 27 -8.59 16.62 -16.67
N GLY C 28 -7.48 16.96 -16.02
CA GLY C 28 -7.47 17.20 -14.59
C GLY C 28 -6.79 16.10 -13.80
N ASP C 29 -6.80 16.23 -12.48
CA ASP C 29 -6.12 15.29 -11.61
C ASP C 29 -7.00 14.14 -11.10
N HIS C 30 -8.34 14.30 -11.05
CA HIS C 30 -9.25 13.26 -10.54
C HIS C 30 -10.47 13.02 -11.41
N ALA C 31 -10.91 11.77 -11.43
CA ALA C 31 -12.15 11.34 -12.09
C ALA C 31 -12.78 10.19 -11.26
N LEU C 32 -14.07 9.97 -11.45
CA LEU C 32 -14.78 8.91 -10.77
C LEU C 32 -15.38 8.02 -11.84
N LEU C 33 -14.92 6.77 -11.92
CA LEU C 33 -15.44 5.82 -12.89
C LEU C 33 -16.55 5.04 -12.19
N CYS C 34 -17.76 5.14 -12.73
CA CYS C 34 -18.94 4.49 -12.15
CA CYS C 34 -18.96 4.50 -12.16
C CYS C 34 -19.36 3.31 -13.04
N VAL C 35 -19.40 2.10 -12.47
CA VAL C 35 -19.76 0.87 -13.18
C VAL C 35 -21.06 0.34 -12.62
N ARG C 36 -22.05 0.11 -13.49
CA ARG C 36 -23.37 -0.36 -13.11
C ARG C 36 -23.67 -1.71 -13.78
N ILE C 37 -24.16 -2.69 -12.99
CA ILE C 37 -24.61 -4.01 -13.46
C ILE C 37 -25.98 -4.35 -12.83
N ASN C 38 -26.72 -5.31 -13.41
CA ASN C 38 -27.98 -5.75 -12.81
C ASN C 38 -27.83 -7.14 -12.17
N ASN C 39 -27.09 -8.05 -12.83
CA ASN C 39 -26.97 -9.40 -12.31
C ASN C 39 -25.76 -9.57 -11.40
N VAL C 40 -25.96 -9.23 -10.13
CA VAL C 40 -24.95 -9.33 -9.10
C VAL C 40 -24.70 -10.79 -8.72
N ALA C 41 -25.77 -11.61 -8.65
CA ALA C 41 -25.63 -13.02 -8.28
C ALA C 41 -24.70 -13.78 -9.24
N VAL C 42 -24.83 -13.54 -10.55
CA VAL C 42 -23.99 -14.21 -11.54
C VAL C 42 -22.54 -13.68 -11.42
N ALA C 43 -22.37 -12.36 -11.24
CA ALA C 43 -21.03 -11.76 -11.03
C ALA C 43 -20.32 -12.35 -9.81
N VAL C 44 -21.02 -12.45 -8.66
CA VAL C 44 -20.47 -13.00 -7.43
C VAL C 44 -20.13 -14.48 -7.61
N GLY C 45 -21.01 -15.22 -8.27
CA GLY C 45 -20.77 -16.64 -8.53
C GLY C 45 -19.55 -16.91 -9.39
N LYS C 46 -19.23 -16.00 -10.32
CA LYS C 46 -18.05 -16.12 -11.17
C LYS C 46 -16.79 -15.47 -10.55
N GLU C 47 -16.92 -14.76 -9.41
CA GLU C 47 -15.82 -13.99 -8.81
C GLU C 47 -15.35 -12.93 -9.82
N ALA C 48 -16.32 -12.23 -10.41
CA ALA C 48 -16.08 -11.18 -11.38
C ALA C 48 -15.28 -10.06 -10.75
N LYS C 49 -14.29 -9.55 -11.47
CA LYS C 49 -13.43 -8.46 -11.01
C LYS C 49 -13.11 -7.53 -12.16
N LEU C 50 -12.91 -6.25 -11.83
CA LEU C 50 -12.52 -5.22 -12.80
C LEU C 50 -11.14 -4.71 -12.44
N TYR C 51 -10.31 -4.48 -13.47
CA TYR C 51 -8.92 -4.07 -13.33
C TYR C 51 -8.67 -2.78 -14.08
N LEU C 52 -8.08 -1.80 -13.42
CA LEU C 52 -7.76 -0.53 -14.02
C LEU C 52 -6.26 -0.43 -14.18
N PHE C 53 -5.82 -0.09 -15.39
CA PHE C 53 -4.42 0.12 -15.69
C PHE C 53 -4.21 1.44 -16.37
N GLN C 54 -2.99 1.96 -16.29
CA GLN C 54 -2.53 3.04 -17.14
C GLN C 54 -2.23 2.28 -18.47
N ALA C 55 -2.78 2.72 -19.61
CA ALA C 55 -2.63 2.00 -20.88
C ALA C 55 -1.18 1.77 -21.25
N GLN C 56 -0.31 2.72 -20.96
CA GLN C 56 1.14 2.62 -21.24
C GLN C 56 1.78 1.51 -20.41
N GLU C 57 1.38 1.35 -19.14
CA GLU C 57 1.89 0.30 -18.27
C GLU C 57 1.43 -1.08 -18.77
N TRP C 58 0.17 -1.19 -19.21
CA TRP C 58 -0.33 -2.46 -19.77
C TRP C 58 0.45 -2.85 -21.02
N LEU C 59 0.69 -1.89 -21.94
CA LEU C 59 1.47 -2.17 -23.14
C LEU C 59 2.89 -2.63 -22.80
N LYS C 60 3.54 -1.97 -21.84
CA LYS C 60 4.88 -2.37 -21.37
C LYS C 60 4.88 -3.84 -20.87
N LEU C 61 3.82 -4.26 -20.17
CA LEU C 61 3.71 -5.64 -19.68
C LEU C 61 3.59 -6.60 -20.86
N LEU C 62 2.78 -6.25 -21.87
CA LEU C 62 2.63 -7.08 -23.07
C LEU C 62 3.92 -7.20 -23.86
N GLU C 63 4.74 -6.14 -23.87
CA GLU C 63 6.01 -6.13 -24.61
C GLU C 63 7.16 -6.83 -23.90
N SER C 64 7.04 -7.12 -22.61
CA SER C 64 8.08 -7.84 -21.86
C SER C 64 8.16 -9.27 -22.41
N SER C 65 9.34 -9.79 -22.72
CA SER C 65 9.47 -11.15 -23.23
C SER C 65 10.39 -12.00 -22.36
N PRO C 66 10.01 -13.26 -21.98
CA PRO C 66 8.77 -14.01 -22.26
C PRO C 66 7.48 -13.41 -21.71
N GLY C 67 7.60 -12.60 -20.67
CA GLY C 67 6.48 -11.86 -20.15
C GLY C 67 5.78 -12.52 -19.00
N TYR C 68 4.67 -11.92 -18.67
CA TYR C 68 3.91 -12.29 -17.52
C TYR C 68 2.85 -13.30 -17.84
N SER C 69 2.57 -14.17 -16.90
CA SER C 69 1.46 -15.09 -17.02
C SER C 69 0.14 -14.26 -16.93
N CYS C 70 -0.98 -14.91 -17.26
CA CYS C 70 -2.32 -14.32 -17.21
C CYS C 70 -2.61 -13.65 -15.85
N SER C 71 -2.47 -14.40 -14.73
CA SER C 71 -2.74 -13.88 -13.42
C SER C 71 -1.71 -12.84 -12.98
N GLU C 72 -0.42 -13.05 -13.31
CA GLU C 72 0.65 -12.10 -12.93
C GLU C 72 0.42 -10.73 -13.56
N ARG C 73 -0.02 -10.70 -14.82
CA ARG C 73 -0.27 -9.44 -15.53
C ARG C 73 -1.45 -8.69 -14.90
N LEU C 74 -2.56 -9.37 -14.66
CA LEU C 74 -3.73 -8.75 -14.03
C LEU C 74 -3.41 -8.28 -12.59
N ALA C 75 -2.52 -8.99 -11.87
CA ALA C 75 -2.13 -8.58 -10.51
C ALA C 75 -1.36 -7.26 -10.48
N ARG C 76 -0.82 -6.81 -11.62
CA ARG C 76 -0.12 -5.54 -11.72
C ARG C 76 -1.06 -4.34 -11.93
N ALA C 77 -2.39 -4.54 -11.86
CA ALA C 77 -3.32 -3.44 -12.04
C ALA C 77 -3.15 -2.38 -10.97
N GLN C 78 -3.34 -1.12 -11.35
CA GLN C 78 -3.26 0.00 -10.41
C GLN C 78 -4.38 -0.16 -9.34
N LEU C 79 -5.57 -0.58 -9.77
CA LEU C 79 -6.71 -0.78 -8.89
C LEU C 79 -7.50 -2.00 -9.40
N THR C 80 -8.03 -2.80 -8.47
CA THR C 80 -8.87 -3.96 -8.78
C THR C 80 -10.09 -3.88 -7.85
N VAL C 81 -11.28 -4.13 -8.38
CA VAL C 81 -12.51 -4.17 -7.59
C VAL C 81 -13.19 -5.49 -7.81
N THR C 82 -13.67 -6.11 -6.74
CA THR C 82 -14.46 -7.32 -6.83
C THR C 82 -15.90 -6.85 -7.03
N VAL C 83 -16.57 -7.37 -8.06
CA VAL C 83 -17.92 -6.96 -8.37
C VAL C 83 -18.88 -7.69 -7.42
N THR C 84 -19.41 -6.95 -6.44
CA THR C 84 -20.33 -7.46 -5.41
C THR C 84 -21.63 -6.64 -5.28
N GLN C 85 -21.76 -5.51 -5.97
CA GLN C 85 -22.94 -4.63 -5.87
C GLN C 85 -23.40 -4.22 -7.26
N THR C 86 -24.63 -3.65 -7.33
CA THR C 86 -25.16 -3.17 -8.61
C THR C 86 -24.37 -1.95 -9.12
N GLU C 87 -23.67 -1.22 -8.25
CA GLU C 87 -22.85 -0.09 -8.68
C GLU C 87 -21.57 -0.02 -7.86
N HIS C 88 -20.45 0.27 -8.53
CA HIS C 88 -19.15 0.46 -7.90
C HIS C 88 -18.56 1.73 -8.49
N ASN C 89 -18.10 2.66 -7.63
CA ASN C 89 -17.47 3.90 -8.04
C ASN C 89 -15.99 3.80 -7.67
N LEU C 90 -15.10 4.07 -8.64
CA LEU C 90 -13.66 3.99 -8.48
C LEU C 90 -13.04 5.37 -8.66
N THR C 91 -12.25 5.81 -7.70
CA THR C 91 -11.53 7.06 -7.82
C THR C 91 -10.29 6.83 -8.69
N VAL C 92 -10.14 7.62 -9.74
CA VAL C 92 -9.00 7.56 -10.64
C VAL C 92 -8.24 8.86 -10.47
N SER C 93 -6.99 8.80 -9.98
CA SER C 93 -6.14 9.97 -9.80
C SER C 93 -4.97 9.86 -10.77
N GLN C 94 -4.58 10.97 -11.38
CA GLN C 94 -3.50 10.97 -12.35
C GLN C 94 -2.62 12.20 -12.25
N LEU C 95 -1.37 12.06 -12.68
CA LEU C 95 -0.38 13.14 -12.69
C LEU C 95 -0.67 14.06 -13.92
N PRO C 96 -0.20 15.34 -13.96
CA PRO C 96 -0.52 16.19 -15.12
C PRO C 96 0.30 15.85 -16.36
N ALA C 97 -0.18 14.90 -17.16
CA ALA C 97 0.50 14.44 -18.38
C ALA C 97 -0.53 13.77 -19.33
N PRO C 98 -0.34 13.81 -20.68
CA PRO C 98 -1.29 13.09 -21.55
C PRO C 98 -1.21 11.59 -21.31
N GLN C 99 -2.34 10.95 -21.03
CA GLN C 99 -2.35 9.52 -20.74
C GLN C 99 -3.74 8.94 -20.90
N THR C 100 -3.79 7.66 -21.20
CA THR C 100 -5.03 6.92 -21.37
C THR C 100 -5.07 5.82 -20.27
N TRP C 101 -6.27 5.53 -19.78
CA TRP C 101 -6.53 4.49 -18.79
C TRP C 101 -7.29 3.37 -19.52
N ARG C 102 -7.13 2.15 -19.04
CA ARG C 102 -7.75 0.97 -19.62
C ARG C 102 -8.43 0.16 -18.51
N VAL C 103 -9.57 -0.45 -18.83
CA VAL C 103 -10.31 -1.29 -17.90
C VAL C 103 -10.48 -2.68 -18.49
N PHE C 104 -10.23 -3.71 -17.67
CA PHE C 104 -10.42 -5.10 -18.05
C PHE C 104 -11.36 -5.82 -17.11
N TYR C 105 -12.03 -6.85 -17.61
CA TYR C 105 -12.87 -7.74 -16.83
C TYR C 105 -12.22 -9.10 -16.83
N ALA C 106 -12.25 -9.77 -15.70
CA ALA C 106 -11.77 -11.13 -15.56
C ALA C 106 -12.58 -11.80 -14.44
N ASP C 107 -12.62 -13.13 -14.46
CA ASP C 107 -13.34 -13.89 -13.46
C ASP C 107 -12.56 -15.18 -13.13
N LYS C 108 -13.08 -16.05 -12.23
CA LYS C 108 -12.37 -17.26 -11.84
C LYS C 108 -11.99 -18.19 -12.99
N PHE C 109 -12.62 -18.09 -14.16
CA PHE C 109 -12.29 -18.96 -15.29
C PHE C 109 -11.19 -18.40 -16.21
N THR C 110 -10.86 -17.11 -16.11
CA THR C 110 -9.97 -16.43 -17.06
C THR C 110 -8.57 -17.03 -17.22
N CYS C 111 -7.86 -17.29 -16.12
CA CYS C 111 -6.48 -17.75 -16.20
C CYS C 111 -6.33 -19.27 -16.02
N ARG C 112 -7.43 -20.02 -15.95
CA ARG C 112 -7.36 -21.46 -15.77
C ARG C 112 -6.84 -22.15 -17.03
N ASP C 113 -5.74 -22.90 -16.91
CA ASP C 113 -5.20 -23.66 -18.01
C ASP C 113 -5.92 -25.02 -18.07
N ASP C 114 -7.22 -24.98 -18.35
CA ASP C 114 -8.04 -26.20 -18.50
C ASP C 114 -8.94 -26.06 -19.76
N SER C 115 -9.63 -27.14 -20.14
CA SER C 115 -10.53 -27.14 -21.28
C SER C 115 -11.95 -26.87 -20.79
N GLU C 116 -12.57 -25.75 -21.21
CA GLU C 116 -13.93 -25.40 -20.79
C GLU C 116 -14.82 -25.11 -22.00
N GLY C 120 -21.42 -19.04 -18.92
CA GLY C 120 -22.39 -19.14 -20.00
C GLY C 120 -23.23 -17.89 -20.20
N GLU C 121 -23.68 -17.27 -19.10
CA GLU C 121 -24.49 -16.05 -19.16
C GLU C 121 -23.57 -14.83 -19.09
N GLU C 122 -23.72 -13.89 -20.02
CA GLU C 122 -22.92 -12.66 -20.01
C GLU C 122 -23.60 -11.65 -19.07
N ILE C 123 -22.83 -10.74 -18.47
CA ILE C 123 -23.37 -9.78 -17.51
C ILE C 123 -23.44 -8.39 -18.15
N PRO C 124 -24.64 -7.86 -18.51
CA PRO C 124 -24.67 -6.50 -19.08
C PRO C 124 -24.14 -5.45 -18.11
N PHE C 125 -23.50 -4.41 -18.63
CA PHE C 125 -22.96 -3.33 -17.81
C PHE C 125 -23.08 -1.99 -18.50
N GLU C 126 -22.92 -0.92 -17.71
CA GLU C 126 -22.85 0.45 -18.19
C GLU C 126 -21.74 1.13 -17.37
N MET C 127 -20.92 1.95 -18.03
CA MET C 127 -19.83 2.66 -17.38
C MET C 127 -19.84 4.12 -17.80
N VAL C 128 -19.67 5.02 -16.80
CA VAL C 128 -19.61 6.47 -17.02
C VAL C 128 -18.46 7.06 -16.21
N LEU C 129 -17.94 8.21 -16.64
CA LEU C 129 -16.90 8.95 -15.93
C LEU C 129 -17.54 10.25 -15.45
N LEU C 130 -17.41 10.56 -14.16
CA LEU C 130 -17.94 11.76 -13.55
C LEU C 130 -16.81 12.57 -12.91
N ASN C 131 -17.01 13.89 -12.76
CA ASN C 131 -16.04 14.80 -12.16
C ASN C 131 -16.30 14.91 -10.65
N PRO C 132 -15.40 14.41 -9.75
CA PRO C 132 -15.67 14.53 -8.31
C PRO C 132 -15.47 15.94 -7.75
N ASP C 140 -14.71 16.97 -20.23
CA ASP C 140 -13.91 16.76 -21.44
C ASP C 140 -13.45 15.27 -21.56
N GLU C 141 -14.21 14.33 -20.99
CA GLU C 141 -13.85 12.92 -21.03
C GLU C 141 -14.07 12.28 -22.39
N ASN C 142 -13.37 11.16 -22.64
CA ASN C 142 -13.49 10.39 -23.87
C ASN C 142 -13.39 8.92 -23.50
N LEU C 143 -14.49 8.15 -23.65
CA LEU C 143 -14.53 6.71 -23.38
C LEU C 143 -14.68 5.98 -24.69
N TYR C 144 -13.74 5.07 -25.03
CA TYR C 144 -13.74 4.29 -26.26
C TYR C 144 -13.88 2.82 -25.89
#